data_3QB8
#
_entry.id   3QB8
#
_cell.length_a   65.400
_cell.length_b   65.400
_cell.length_c   112.631
_cell.angle_alpha   90.00
_cell.angle_beta   90.00
_cell.angle_gamma   120.00
#
_symmetry.space_group_name_H-M   'P 31'
#
loop_
_entity.id
_entity.type
_entity.pdbx_description
1 polymer 'A654L protein'
2 non-polymer 'COENZYME A'
3 non-polymer IMIDAZOLE
4 water water
#
_entity_poly.entity_id   1
_entity_poly.type   'polypeptide(L)'
_entity_poly.pdbx_seq_one_letter_code
;MYTLIKLTSEYTSRAISFTSRNFVASEPTSIALKLTTCDFTTSFQNIMKQCVDYGHSFAFVDADDNIKAQILNIPYDAYE
NMHYGNIRETDPMFDLFGNLDSYTPDDKCLYVFAIGSEVTGKGLATKLLKKTIEESSSHGFKYIYGDCTNIISQNMFEKH
GFETVGSVKYKGYQYGITKPFDSINCTEYIKRMVKTI
;
_entity_poly.pdbx_strand_id   A,B
#
loop_
_chem_comp.id
_chem_comp.type
_chem_comp.name
_chem_comp.formula
COA non-polymer 'COENZYME A' 'C21 H36 N7 O16 P3 S'
IMD non-polymer IMIDAZOLE 'C3 H5 N2 1'
#
# COMPACT_ATOMS: atom_id res chain seq x y z
N MET A 1 -7.12 19.97 8.44
CA MET A 1 -6.64 18.87 9.33
C MET A 1 -6.89 17.50 8.65
N TYR A 2 -7.95 16.81 9.08
CA TYR A 2 -8.34 15.56 8.45
C TYR A 2 -9.79 15.63 7.99
N THR A 3 -10.08 14.99 6.87
CA THR A 3 -11.38 15.05 6.25
C THR A 3 -12.01 13.67 6.23
N LEU A 4 -13.25 13.59 6.69
CA LEU A 4 -14.03 12.36 6.68
CA LEU A 4 -14.00 12.34 6.67
C LEU A 4 -14.57 12.12 5.27
N ILE A 5 -14.19 11.01 4.66
CA ILE A 5 -14.65 10.66 3.33
C ILE A 5 -15.33 9.29 3.33
N LYS A 6 -16.22 9.09 2.38
CA LYS A 6 -16.65 7.76 2.00
C LYS A 6 -15.56 7.14 1.12
N LEU A 7 -15.09 5.95 1.48
CA LEU A 7 -14.07 5.27 0.67
C LEU A 7 -14.66 4.85 -0.67
N THR A 8 -13.89 5.04 -1.73
CA THR A 8 -14.30 4.66 -3.08
C THR A 8 -13.19 3.81 -3.68
N SER A 9 -13.43 3.25 -4.86
CA SER A 9 -12.49 2.32 -5.45
CA SER A 9 -12.41 2.34 -5.44
C SER A 9 -11.09 2.84 -5.67
N GLU A 10 -10.95 4.13 -5.91
CA GLU A 10 -9.62 4.70 -6.12
C GLU A 10 -8.77 4.63 -4.84
N TYR A 11 -9.41 4.38 -3.69
CA TYR A 11 -8.68 4.26 -2.41
C TYR A 11 -8.34 2.82 -2.01
N THR A 12 -8.65 1.85 -2.87
CA THR A 12 -8.53 0.43 -2.49
C THR A 12 -7.12 0.06 -2.05
N SER A 13 -6.11 0.42 -2.83
CA SER A 13 -4.74 0.08 -2.48
C SER A 13 -4.33 0.71 -1.14
N ARG A 14 -4.67 2.00 -0.95
CA ARG A 14 -4.42 2.68 0.32
C ARG A 14 -5.15 2.03 1.49
N ALA A 15 -6.39 1.60 1.28
CA ALA A 15 -7.19 0.98 2.34
C ALA A 15 -6.61 -0.37 2.77
N ILE A 16 -6.19 -1.18 1.80
CA ILE A 16 -5.60 -2.48 2.08
C ILE A 16 -4.34 -2.27 2.91
N SER A 17 -3.48 -1.35 2.46
CA SER A 17 -2.25 -1.10 3.20
C SER A 17 -2.51 -0.55 4.60
N PHE A 18 -3.46 0.37 4.71
CA PHE A 18 -3.66 1.01 6.00
C PHE A 18 -4.02 -0.03 7.05
N THR A 19 -5.03 -0.87 6.78
CA THR A 19 -5.44 -1.87 7.78
C THR A 19 -4.38 -2.93 8.02
N SER A 20 -3.70 -3.35 6.96
N SER A 20 -3.71 -3.33 6.95
CA SER A 20 -2.61 -4.32 7.12
CA SER A 20 -2.65 -4.32 7.08
C SER A 20 -1.59 -3.78 8.09
C SER A 20 -1.53 -3.83 8.00
N ARG A 21 -1.09 -2.59 7.81
CA ARG A 21 -0.03 -2.01 8.65
C ARG A 21 -0.52 -1.72 10.07
N ASN A 22 -1.72 -1.14 10.17
CA ASN A 22 -2.29 -0.77 11.45
C ASN A 22 -2.51 -2.02 12.32
N PHE A 23 -3.08 -3.08 11.73
CA PHE A 23 -3.33 -4.30 12.52
C PHE A 23 -2.05 -5.02 12.90
N VAL A 24 -1.10 -5.12 11.97
CA VAL A 24 0.16 -5.79 12.26
C VAL A 24 0.93 -5.05 13.36
N ALA A 25 0.82 -3.72 13.38
CA ALA A 25 1.52 -2.92 14.38
C ALA A 25 0.84 -2.94 15.75
N SER A 26 -0.50 -2.98 15.77
CA SER A 26 -1.24 -2.55 16.96
C SER A 26 -2.47 -3.36 17.35
N GLU A 27 -2.90 -4.30 16.51
CA GLU A 27 -4.11 -5.07 16.82
C GLU A 27 -3.73 -6.37 17.54
N PRO A 28 -4.44 -6.72 18.64
CA PRO A 28 -3.90 -7.77 19.52
C PRO A 28 -3.72 -9.15 18.90
N THR A 29 -4.68 -9.61 18.09
CA THR A 29 -4.55 -10.98 17.56
C THR A 29 -3.48 -11.08 16.47
N SER A 30 -3.36 -10.06 15.64
CA SER A 30 -2.29 -10.03 14.63
C SER A 30 -0.92 -10.05 15.29
N ILE A 31 -0.75 -9.23 16.32
CA ILE A 31 0.51 -9.17 17.07
C ILE A 31 0.82 -10.53 17.70
N ALA A 32 -0.19 -11.15 18.31
CA ALA A 32 -0.02 -12.45 18.98
C ALA A 32 0.48 -13.53 18.02
N LEU A 33 0.01 -13.48 16.78
CA LEU A 33 0.38 -14.44 15.74
C LEU A 33 1.63 -14.04 14.96
N LYS A 34 2.25 -12.93 15.36
CA LYS A 34 3.41 -12.38 14.68
C LYS A 34 3.21 -12.21 13.19
N LEU A 35 2.03 -11.75 12.80
CA LEU A 35 1.75 -11.53 11.39
C LEU A 35 2.59 -10.40 10.82
N THR A 36 3.00 -10.60 9.57
CA THR A 36 3.55 -9.52 8.77
C THR A 36 2.45 -8.93 7.91
N THR A 37 2.75 -7.77 7.31
CA THR A 37 1.80 -7.17 6.38
C THR A 37 1.54 -8.08 5.18
N CYS A 38 2.55 -8.87 4.79
CA CYS A 38 2.35 -9.85 3.70
CA CYS A 38 2.45 -9.83 3.72
C CYS A 38 1.31 -10.89 4.10
N ASP A 39 1.41 -11.40 5.33
CA ASP A 39 0.45 -12.38 5.82
C ASP A 39 -0.94 -11.77 5.82
N PHE A 40 -1.04 -10.55 6.35
CA PHE A 40 -2.34 -9.94 6.52
C PHE A 40 -2.99 -9.61 5.17
N THR A 41 -2.19 -9.04 4.27
CA THR A 41 -2.69 -8.71 2.94
C THR A 41 -3.11 -9.98 2.18
N THR A 42 -2.30 -11.03 2.26
CA THR A 42 -2.68 -12.27 1.60
C THR A 42 -4.04 -12.78 2.09
N SER A 43 -4.24 -12.85 3.41
N SER A 43 -4.21 -12.82 3.41
CA SER A 43 -5.48 -13.42 3.91
CA SER A 43 -5.42 -13.38 3.99
C SER A 43 -6.68 -12.51 3.72
C SER A 43 -6.65 -12.51 3.78
N PHE A 44 -6.48 -11.20 3.85
CA PHE A 44 -7.60 -10.27 3.99
C PHE A 44 -7.78 -9.26 2.87
N GLN A 45 -6.95 -9.27 1.82
CA GLN A 45 -7.12 -8.22 0.83
C GLN A 45 -8.47 -8.31 0.12
N ASN A 46 -8.98 -9.50 -0.08
CA ASN A 46 -10.28 -9.71 -0.71
C ASN A 46 -11.41 -9.05 0.09
N ILE A 47 -11.51 -9.36 1.37
CA ILE A 47 -12.57 -8.76 2.18
C ILE A 47 -12.36 -7.24 2.24
N MET A 48 -11.12 -6.76 2.34
CA MET A 48 -10.89 -5.31 2.41
C MET A 48 -11.33 -4.60 1.14
N LYS A 49 -10.97 -5.17 -0.02
CA LYS A 49 -11.45 -4.64 -1.29
C LYS A 49 -12.98 -4.61 -1.34
N GLN A 50 -13.62 -5.71 -0.91
CA GLN A 50 -15.08 -5.74 -0.93
C GLN A 50 -15.71 -4.73 0.03
N CYS A 51 -15.08 -4.50 1.19
CA CYS A 51 -15.55 -3.42 2.08
C CYS A 51 -15.59 -2.08 1.36
N VAL A 52 -14.56 -1.80 0.56
CA VAL A 52 -14.58 -0.57 -0.22
C VAL A 52 -15.69 -0.64 -1.29
N ASP A 53 -15.72 -1.72 -2.05
CA ASP A 53 -16.63 -1.81 -3.19
C ASP A 53 -18.14 -1.85 -2.86
N TYR A 54 -18.50 -2.33 -1.68
CA TYR A 54 -19.92 -2.33 -1.32
C TYR A 54 -20.44 -0.94 -0.92
N GLY A 55 -19.52 0.01 -0.69
CA GLY A 55 -19.89 1.41 -0.57
C GLY A 55 -20.20 1.97 0.81
N HIS A 56 -19.99 1.16 1.86
CA HIS A 56 -20.36 1.54 3.23
C HIS A 56 -19.16 1.81 4.13
N SER A 57 -17.97 1.98 3.54
CA SER A 57 -16.74 2.20 4.34
C SER A 57 -16.31 3.67 4.32
N PHE A 58 -15.59 4.07 5.36
CA PHE A 58 -15.22 5.49 5.56
C PHE A 58 -13.80 5.63 6.05
N ALA A 59 -13.22 6.79 5.79
CA ALA A 59 -11.86 7.07 6.24
C ALA A 59 -11.68 8.54 6.57
N PHE A 60 -10.67 8.83 7.39
CA PHE A 60 -10.15 10.19 7.51
C PHE A 60 -8.88 10.26 6.69
N VAL A 61 -8.80 11.28 5.84
CA VAL A 61 -7.61 11.50 5.02
C VAL A 61 -6.95 12.84 5.33
N ASP A 62 -5.64 12.91 5.16
CA ASP A 62 -4.91 14.16 5.29
C ASP A 62 -4.98 14.96 3.97
N ALA A 63 -4.26 16.09 3.95
CA ALA A 63 -4.30 17.00 2.81
C ALA A 63 -3.76 16.41 1.52
N ASP A 64 -2.94 15.37 1.64
CA ASP A 64 -2.38 14.70 0.47
C ASP A 64 -3.13 13.41 0.13
N ASP A 65 -4.29 13.22 0.76
CA ASP A 65 -5.21 12.10 0.46
C ASP A 65 -4.71 10.75 1.02
N ASN A 66 -3.84 10.80 2.02
CA ASN A 66 -3.41 9.60 2.72
C ASN A 66 -4.40 9.25 3.81
N ILE A 67 -4.69 7.96 3.93
CA ILE A 67 -5.58 7.48 4.98
C ILE A 67 -4.89 7.52 6.34
N LYS A 68 -5.52 8.19 7.30
CA LYS A 68 -5.01 8.29 8.67
C LYS A 68 -5.83 7.48 9.70
N ALA A 69 -7.03 7.13 9.31
CA ALA A 69 -7.92 6.27 10.10
C ALA A 69 -8.99 5.76 9.17
N GLN A 70 -9.53 4.57 9.40
CA GLN A 70 -10.62 4.09 8.56
C GLN A 70 -11.45 3.04 9.26
N ILE A 71 -12.64 2.83 8.71
CA ILE A 71 -13.52 1.75 9.13
C ILE A 71 -13.98 1.03 7.88
N LEU A 72 -13.70 -0.28 7.86
CA LEU A 72 -14.04 -1.12 6.72
C LEU A 72 -15.25 -1.98 7.09
N ASN A 73 -16.36 -1.73 6.39
CA ASN A 73 -17.67 -2.33 6.66
C ASN A 73 -18.12 -3.08 5.42
N ILE A 74 -18.89 -4.16 5.63
CA ILE A 74 -19.40 -4.96 4.52
C ILE A 74 -20.74 -5.58 4.93
N PRO A 75 -21.71 -5.66 3.98
CA PRO A 75 -22.96 -6.33 4.34
C PRO A 75 -22.69 -7.75 4.86
N TYR A 76 -23.43 -8.16 5.90
CA TYR A 76 -23.18 -9.45 6.55
C TYR A 76 -23.31 -10.63 5.58
N ASP A 77 -24.27 -10.56 4.66
CA ASP A 77 -24.45 -11.66 3.70
C ASP A 77 -23.23 -11.86 2.81
N ALA A 78 -22.53 -10.77 2.47
CA ALA A 78 -21.28 -10.89 1.74
C ALA A 78 -20.15 -11.43 2.61
N TYR A 79 -20.11 -10.98 3.87
CA TYR A 79 -19.16 -11.51 4.84
C TYR A 79 -19.30 -13.02 5.03
N GLU A 80 -20.53 -13.51 5.14
CA GLU A 80 -20.73 -14.92 5.43
CA GLU A 80 -20.63 -14.89 5.45
C GLU A 80 -20.23 -15.84 4.34
N ASN A 81 -20.19 -15.32 3.14
CA ASN A 81 -19.75 -16.09 1.98
C ASN A 81 -18.34 -15.71 1.50
N MET A 82 -17.60 -14.99 2.35
CA MET A 82 -16.29 -14.46 1.97
C MET A 82 -15.24 -15.52 1.74
N HIS A 83 -14.41 -15.29 0.73
CA HIS A 83 -13.19 -16.06 0.55
C HIS A 83 -11.96 -15.35 1.10
N TYR A 84 -11.02 -16.13 1.63
CA TYR A 84 -9.80 -15.60 2.19
C TYR A 84 -8.59 -16.31 1.61
N GLY A 85 -7.46 -15.62 1.62
CA GLY A 85 -6.21 -16.25 1.22
C GLY A 85 -5.66 -17.01 2.41
N ASN A 86 -6.07 -18.27 2.56
CA ASN A 86 -5.67 -19.03 3.74
C ASN A 86 -4.21 -19.46 3.69
N ILE A 87 -3.52 -19.22 4.80
CA ILE A 87 -2.12 -19.60 4.98
C ILE A 87 -1.95 -20.06 6.41
N ARG A 88 -0.91 -20.81 6.69
CA ARG A 88 -0.79 -21.36 8.01
C ARG A 88 -0.68 -20.28 9.09
N GLU A 89 -0.07 -19.15 8.76
CA GLU A 89 0.13 -18.05 9.70
C GLU A 89 -1.18 -17.52 10.29
N THR A 90 -2.26 -17.53 9.49
CA THR A 90 -3.54 -16.99 9.96
C THR A 90 -4.59 -18.06 10.29
N ASP A 91 -4.25 -19.35 10.12
CA ASP A 91 -5.20 -20.42 10.49
C ASP A 91 -5.76 -20.28 11.92
N PRO A 92 -4.91 -19.99 12.91
CA PRO A 92 -5.45 -19.89 14.29
C PRO A 92 -6.41 -18.72 14.48
N MET A 93 -6.22 -17.68 13.66
CA MET A 93 -7.09 -16.51 13.67
C MET A 93 -8.48 -16.90 13.19
N PHE A 94 -8.55 -17.55 12.04
CA PHE A 94 -9.85 -18.02 11.54
C PHE A 94 -10.51 -19.02 12.48
N ASP A 95 -9.70 -19.87 13.11
CA ASP A 95 -10.23 -20.81 14.10
C ASP A 95 -10.88 -20.06 15.28
N LEU A 96 -10.18 -19.06 15.82
CA LEU A 96 -10.72 -18.27 16.93
C LEU A 96 -12.00 -17.55 16.54
N PHE A 97 -11.94 -16.82 15.43
CA PHE A 97 -13.10 -16.01 15.00
C PHE A 97 -14.30 -16.89 14.70
N GLY A 98 -14.05 -18.10 14.22
CA GLY A 98 -15.09 -19.01 13.80
C GLY A 98 -16.09 -19.27 14.89
N ASN A 99 -15.62 -19.31 16.12
CA ASN A 99 -16.50 -19.45 17.28
C ASN A 99 -17.59 -18.43 17.32
N LEU A 100 -17.36 -17.24 16.83
N LEU A 100 -17.36 -17.24 16.84
CA LEU A 100 -18.34 -16.17 17.00
CA LEU A 100 -18.37 -16.22 16.99
C LEU A 100 -19.41 -16.18 15.90
C LEU A 100 -19.42 -16.22 15.90
N ASP A 101 -19.14 -16.91 14.82
CA ASP A 101 -20.04 -16.96 13.68
C ASP A 101 -21.35 -17.71 13.99
N SER A 102 -21.47 -18.21 15.22
CA SER A 102 -22.66 -18.94 15.66
C SER A 102 -23.84 -18.02 16.01
N TYR A 103 -23.56 -16.75 16.22
CA TYR A 103 -24.62 -15.79 16.56
C TYR A 103 -24.78 -15.00 15.29
N THR A 104 -25.90 -15.18 14.60
CA THR A 104 -26.08 -14.62 13.28
C THR A 104 -27.30 -13.72 13.24
N PRO A 105 -27.29 -12.70 12.38
CA PRO A 105 -28.40 -11.77 12.31
C PRO A 105 -29.63 -12.34 11.60
N ASP A 106 -30.81 -11.95 12.06
CA ASP A 106 -32.05 -12.39 11.43
C ASP A 106 -32.63 -11.37 10.45
N ASP A 107 -31.85 -10.34 10.14
CA ASP A 107 -32.28 -9.28 9.22
C ASP A 107 -31.02 -8.57 8.74
N LYS A 108 -31.22 -7.65 7.81
CA LYS A 108 -30.15 -6.89 7.16
C LYS A 108 -29.14 -6.33 8.17
N CYS A 109 -27.86 -6.65 7.91
CA CYS A 109 -26.83 -6.38 8.90
C CYS A 109 -25.57 -5.86 8.22
N LEU A 110 -24.94 -4.86 8.84
CA LEU A 110 -23.63 -4.34 8.39
C LEU A 110 -22.55 -4.86 9.34
N TYR A 111 -21.52 -5.48 8.75
CA TYR A 111 -20.44 -6.07 9.53
C TYR A 111 -19.20 -5.16 9.47
N VAL A 112 -18.67 -4.81 10.64
CA VAL A 112 -17.45 -4.02 10.73
C VAL A 112 -16.27 -4.98 10.71
N PHE A 113 -15.57 -5.06 9.58
CA PHE A 113 -14.40 -5.92 9.49
C PHE A 113 -13.22 -5.32 10.26
N ALA A 114 -12.99 -4.02 10.13
CA ALA A 114 -11.82 -3.40 10.76
C ALA A 114 -12.07 -1.94 11.05
N ILE A 115 -11.62 -1.50 12.21
CA ILE A 115 -11.54 -0.09 12.54
C ILE A 115 -10.12 0.19 13.04
N GLY A 116 -9.55 1.32 12.63
CA GLY A 116 -8.20 1.65 13.04
C GLY A 116 -7.86 3.10 12.84
N SER A 117 -6.90 3.58 13.60
N SER A 117 -6.92 3.59 13.65
CA SER A 117 -6.44 4.96 13.46
CA SER A 117 -6.41 4.96 13.55
C SER A 117 -4.96 5.02 13.76
C SER A 117 -4.92 4.95 13.74
N GLU A 118 -4.22 5.72 12.91
CA GLU A 118 -2.81 5.97 13.11
C GLU A 118 -2.54 7.31 13.79
N VAL A 119 -3.58 8.09 13.94
CA VAL A 119 -3.49 9.35 14.69
C VAL A 119 -4.45 9.18 15.84
N THR A 120 -3.91 8.76 16.98
CA THR A 120 -4.74 8.24 18.06
C THR A 120 -5.07 9.29 19.11
N GLY A 121 -6.19 9.05 19.81
CA GLY A 121 -6.64 9.92 20.91
C GLY A 121 -7.16 11.26 20.48
N LYS A 122 -7.59 11.37 19.22
CA LYS A 122 -8.15 12.60 18.66
C LYS A 122 -9.63 12.45 18.27
N GLY A 123 -10.21 11.28 18.54
CA GLY A 123 -11.62 11.06 18.23
C GLY A 123 -11.90 10.54 16.83
N LEU A 124 -10.85 10.23 16.05
CA LEU A 124 -11.08 9.80 14.67
C LEU A 124 -11.84 8.47 14.59
N ALA A 125 -11.42 7.46 15.32
CA ALA A 125 -12.14 6.17 15.26
C ALA A 125 -13.59 6.34 15.73
N THR A 126 -13.80 7.11 16.80
CA THR A 126 -15.15 7.37 17.30
C THR A 126 -16.03 8.00 16.22
N LYS A 127 -15.50 8.99 15.52
CA LYS A 127 -16.25 9.66 14.46
C LYS A 127 -16.57 8.72 13.29
N LEU A 128 -15.64 7.82 12.98
CA LEU A 128 -15.86 6.81 11.93
C LEU A 128 -16.97 5.84 12.34
N LEU A 129 -16.98 5.44 13.62
CA LEU A 129 -18.03 4.56 14.11
C LEU A 129 -19.40 5.29 14.08
N LYS A 130 -19.43 6.54 14.48
CA LYS A 130 -20.69 7.29 14.43
C LYS A 130 -21.20 7.47 13.01
N LYS A 131 -20.27 7.72 12.09
CA LYS A 131 -20.62 7.82 10.67
C LYS A 131 -21.20 6.50 10.18
N THR A 132 -20.60 5.39 10.60
CA THR A 132 -21.09 4.06 10.23
C THR A 132 -22.52 3.80 10.74
N ILE A 133 -22.80 4.27 11.96
CA ILE A 133 -24.15 4.15 12.51
C ILE A 133 -25.14 4.93 11.65
N GLU A 134 -24.78 6.16 11.26
CA GLU A 134 -25.63 6.94 10.35
C GLU A 134 -25.85 6.23 9.00
N GLU A 135 -24.77 5.71 8.43
CA GLU A 135 -24.82 4.97 7.17
C GLU A 135 -25.77 3.78 7.25
N SER A 136 -25.66 3.05 8.36
CA SER A 136 -26.49 1.85 8.56
CA SER A 136 -26.49 1.84 8.53
C SER A 136 -27.97 2.21 8.58
N SER A 137 -28.31 3.27 9.29
CA SER A 137 -29.70 3.73 9.34
C SER A 137 -30.19 4.17 7.96
N SER A 138 -29.34 4.90 7.24
CA SER A 138 -29.73 5.44 5.93
C SER A 138 -30.02 4.37 4.90
N HIS A 139 -29.35 3.23 5.02
CA HIS A 139 -29.50 2.14 4.07
C HIS A 139 -30.38 0.97 4.58
N GLY A 140 -31.06 1.20 5.70
CA GLY A 140 -32.04 0.24 6.21
C GLY A 140 -31.46 -1.01 6.86
N PHE A 141 -30.19 -0.94 7.27
CA PHE A 141 -29.62 -2.03 8.07
C PHE A 141 -30.31 -2.06 9.44
N LYS A 142 -30.55 -3.19 9.89
CA LYS A 142 -31.21 -3.35 11.15
C LYS A 142 -30.21 -3.54 12.29
N TYR A 143 -29.06 -4.10 11.97
CA TYR A 143 -28.00 -4.38 12.94
C TYR A 143 -26.65 -3.96 12.40
N ILE A 144 -25.74 -3.65 13.32
CA ILE A 144 -24.32 -3.61 13.03
C ILE A 144 -23.66 -4.66 13.92
N TYR A 145 -22.82 -5.49 13.31
CA TYR A 145 -22.02 -6.49 14.03
C TYR A 145 -20.54 -6.17 13.90
N GLY A 146 -19.78 -6.44 14.95
CA GLY A 146 -18.33 -6.38 14.87
C GLY A 146 -17.73 -7.43 15.78
N ASP A 147 -16.65 -8.05 15.35
CA ASP A 147 -15.89 -8.95 16.19
C ASP A 147 -14.67 -8.17 16.64
N CYS A 148 -14.72 -7.71 17.88
CA CYS A 148 -13.73 -6.77 18.40
C CYS A 148 -12.73 -7.48 19.28
N THR A 149 -11.45 -7.28 18.97
CA THR A 149 -10.36 -8.01 19.60
C THR A 149 -9.59 -7.19 20.64
N ASN A 150 -9.91 -5.89 20.74
CA ASN A 150 -9.13 -4.93 21.51
C ASN A 150 -10.02 -4.27 22.55
N ILE A 151 -9.58 -4.24 23.81
CA ILE A 151 -10.33 -3.58 24.87
C ILE A 151 -10.72 -2.14 24.49
N ILE A 152 -9.85 -1.46 23.74
CA ILE A 152 -10.12 -0.07 23.37
C ILE A 152 -11.34 0.03 22.46
N SER A 153 -11.39 -0.81 21.43
CA SER A 153 -12.54 -0.80 20.52
C SER A 153 -13.77 -1.41 21.20
N GLN A 154 -13.59 -2.41 22.06
CA GLN A 154 -14.73 -2.97 22.81
C GLN A 154 -15.41 -1.85 23.61
N ASN A 155 -14.61 -1.05 24.32
CA ASN A 155 -15.16 0.05 25.10
C ASN A 155 -15.80 1.11 24.20
N MET A 156 -15.22 1.40 23.05
CA MET A 156 -15.81 2.32 22.11
C MET A 156 -17.13 1.85 21.59
N PHE A 157 -17.19 0.60 21.22
CA PHE A 157 -18.46 0.03 20.76
C PHE A 157 -19.52 0.07 21.86
N GLU A 158 -19.11 -0.30 23.07
CA GLU A 158 -20.02 -0.22 24.22
C GLU A 158 -20.56 1.19 24.41
N LYS A 159 -19.68 2.19 24.29
CA LYS A 159 -20.10 3.58 24.48
C LYS A 159 -21.15 4.04 23.46
N HIS A 160 -21.21 3.34 22.34
CA HIS A 160 -22.15 3.64 21.24
C HIS A 160 -23.27 2.62 21.09
N GLY A 161 -23.57 1.92 22.18
CA GLY A 161 -24.78 1.11 22.24
C GLY A 161 -24.66 -0.34 21.80
N PHE A 162 -23.45 -0.83 21.56
CA PHE A 162 -23.29 -2.24 21.21
C PHE A 162 -23.40 -3.13 22.43
N GLU A 163 -23.97 -4.32 22.21
CA GLU A 163 -24.05 -5.35 23.23
C GLU A 163 -23.30 -6.58 22.80
N THR A 164 -22.68 -7.24 23.77
CA THR A 164 -21.92 -8.47 23.50
C THR A 164 -22.89 -9.64 23.41
N VAL A 165 -22.74 -10.45 22.36
CA VAL A 165 -23.57 -11.66 22.19
C VAL A 165 -22.76 -12.95 22.22
N GLY A 166 -21.44 -12.83 22.22
CA GLY A 166 -20.56 -13.99 22.27
C GLY A 166 -19.16 -13.53 22.56
N SER A 167 -18.38 -14.43 23.16
CA SER A 167 -17.00 -14.11 23.51
CA SER A 167 -17.02 -14.11 23.55
CA SER A 167 -16.92 -14.08 23.57
C SER A 167 -16.16 -15.36 23.63
N VAL A 168 -14.86 -15.19 23.43
CA VAL A 168 -13.89 -16.27 23.65
C VAL A 168 -12.73 -15.67 24.43
N LYS A 169 -12.34 -16.32 25.52
CA LYS A 169 -11.18 -15.92 26.30
C LYS A 169 -9.88 -16.27 25.56
N TYR A 170 -8.97 -15.30 25.47
CA TYR A 170 -7.68 -15.55 24.82
C TYR A 170 -6.80 -16.52 25.60
N LYS A 171 -6.65 -16.29 26.88
CA LYS A 171 -5.74 -17.06 27.68
C LYS A 171 -6.20 -18.50 27.78
N GLY A 172 -5.32 -19.40 27.37
CA GLY A 172 -5.65 -20.81 27.36
C GLY A 172 -6.26 -21.33 26.07
N TYR A 173 -6.65 -20.43 25.15
CA TYR A 173 -7.24 -20.89 23.90
C TYR A 173 -6.23 -21.74 23.14
N GLN A 174 -6.66 -22.91 22.66
CA GLN A 174 -5.75 -23.79 21.94
C GLN A 174 -6.08 -23.94 20.48
N TYR A 175 -5.03 -24.16 19.70
CA TYR A 175 -5.16 -24.59 18.32
C TYR A 175 -4.27 -25.83 18.26
N GLY A 176 -4.89 -27.01 18.29
CA GLY A 176 -4.12 -28.22 18.59
C GLY A 176 -3.44 -28.03 19.93
N ILE A 177 -2.16 -28.39 20.03
CA ILE A 177 -1.43 -28.23 21.29
C ILE A 177 -0.91 -26.81 21.51
N THR A 178 -1.01 -25.95 20.49
CA THR A 178 -0.48 -24.58 20.61
C THR A 178 -1.43 -23.68 21.38
N LYS A 179 -0.89 -22.64 21.97
CA LYS A 179 -1.66 -21.63 22.67
C LYS A 179 -1.32 -20.26 22.07
N PRO A 180 -1.86 -19.97 20.90
CA PRO A 180 -1.36 -18.86 20.08
C PRO A 180 -1.72 -17.46 20.59
N PHE A 181 -2.67 -17.35 21.51
CA PHE A 181 -3.12 -16.05 22.00
C PHE A 181 -2.72 -15.76 23.45
N ASP A 182 -1.91 -16.63 24.05
CA ASP A 182 -1.52 -16.44 25.45
C ASP A 182 -0.65 -15.20 25.67
N SER A 183 -0.01 -14.73 24.59
CA SER A 183 0.84 -13.56 24.66
C SER A 183 0.07 -12.24 24.83
N ILE A 184 -1.24 -12.26 24.57
CA ILE A 184 -2.03 -11.04 24.64
C ILE A 184 -2.18 -10.64 26.11
N ASN A 185 -1.82 -9.43 26.43
CA ASN A 185 -1.98 -8.97 27.78
C ASN A 185 -2.93 -7.80 27.97
N CYS A 186 -3.29 -7.13 26.90
CA CYS A 186 -4.05 -5.88 27.01
C CYS A 186 -5.55 -6.11 27.16
N THR A 187 -6.01 -7.26 26.65
CA THR A 187 -7.42 -7.53 26.43
C THR A 187 -7.66 -9.00 26.81
N GLU A 188 -8.78 -9.27 27.46
CA GLU A 188 -9.03 -10.64 27.95
C GLU A 188 -9.83 -11.51 26.99
N TYR A 189 -10.71 -10.89 26.21
CA TYR A 189 -11.62 -11.63 25.31
C TYR A 189 -11.65 -11.04 23.91
N ILE A 190 -11.96 -11.88 22.93
CA ILE A 190 -12.54 -11.39 21.67
C ILE A 190 -14.06 -11.44 21.84
N LYS A 191 -14.77 -10.42 21.40
CA LYS A 191 -16.19 -10.33 21.60
C LYS A 191 -16.93 -10.02 20.31
N ARG A 192 -18.03 -10.72 20.05
CA ARG A 192 -18.95 -10.33 18.99
C ARG A 192 -19.95 -9.34 19.58
N MET A 193 -20.01 -8.16 18.97
CA MET A 193 -20.77 -7.04 19.50
C MET A 193 -21.80 -6.62 18.48
N VAL A 194 -23.01 -6.32 18.97
CA VAL A 194 -24.16 -6.07 18.11
C VAL A 194 -24.88 -4.78 18.54
N LYS A 195 -25.11 -3.91 17.57
CA LYS A 195 -25.96 -2.75 17.81
C LYS A 195 -27.24 -2.91 17.03
N THR A 196 -28.37 -2.68 17.71
CA THR A 196 -29.65 -2.69 17.04
C THR A 196 -30.00 -1.26 16.66
N ILE A 197 -30.19 -1.06 15.38
CA ILE A 197 -30.36 0.27 14.82
C ILE A 197 -31.74 0.82 15.14
N MET B 1 11.83 -20.05 -14.03
CA MET B 1 11.39 -19.01 -15.01
C MET B 1 12.24 -17.74 -14.89
N TYR B 2 11.99 -16.93 -13.86
CA TYR B 2 12.77 -15.71 -13.65
C TYR B 2 13.42 -15.71 -12.27
N THR B 3 14.62 -15.14 -12.19
CA THR B 3 15.39 -15.15 -10.97
C THR B 3 15.62 -13.72 -10.51
N LEU B 4 15.34 -13.47 -9.22
CA LEU B 4 15.58 -12.19 -8.59
CA LEU B 4 15.58 -12.17 -8.61
C LEU B 4 17.05 -12.05 -8.24
N ILE B 5 17.72 -11.06 -8.82
CA ILE B 5 19.12 -10.80 -8.57
C ILE B 5 19.35 -9.39 -8.06
N LYS B 6 20.43 -9.22 -7.29
CA LYS B 6 20.99 -7.89 -7.06
C LYS B 6 21.78 -7.48 -8.30
N LEU B 7 21.48 -6.30 -8.84
CA LEU B 7 22.19 -5.81 -10.02
C LEU B 7 23.63 -5.47 -9.65
N THR B 8 24.55 -5.86 -10.51
CA THR B 8 25.97 -5.58 -10.33
C THR B 8 26.51 -4.91 -11.60
N SER B 9 27.75 -4.46 -11.55
CA SER B 9 28.32 -3.66 -12.64
CA SER B 9 28.30 -3.65 -12.64
CA SER B 9 28.33 -3.66 -12.63
C SER B 9 28.27 -4.35 -14.00
N GLU B 10 28.41 -5.68 -14.01
CA GLU B 10 28.34 -6.40 -15.29
C GLU B 10 26.98 -6.26 -16.01
N TYR B 11 25.95 -5.83 -15.27
CA TYR B 11 24.62 -5.63 -15.85
C TYR B 11 24.33 -4.20 -16.27
N THR B 12 25.30 -3.30 -16.17
CA THR B 12 25.04 -1.88 -16.41
C THR B 12 24.44 -1.58 -17.78
N SER B 13 25.05 -2.13 -18.84
CA SER B 13 24.54 -1.88 -20.18
CA SER B 13 24.56 -1.93 -20.20
C SER B 13 23.12 -2.41 -20.35
N ARG B 14 22.87 -3.62 -19.87
CA ARG B 14 21.53 -4.20 -19.87
C ARG B 14 20.51 -3.37 -19.08
N ALA B 15 20.92 -2.85 -17.93
CA ALA B 15 20.04 -2.04 -17.09
C ALA B 15 19.66 -0.71 -17.75
N ILE B 16 20.65 -0.04 -18.36
CA ILE B 16 20.41 1.20 -19.06
C ILE B 16 19.40 0.98 -20.18
N SER B 17 19.65 -0.05 -20.99
CA SER B 17 18.74 -0.35 -22.08
C SER B 17 17.35 -0.73 -21.60
N PHE B 18 17.27 -1.55 -20.55
CA PHE B 18 15.97 -1.99 -20.11
C PHE B 18 15.07 -0.81 -19.73
N THR B 19 15.56 0.08 -18.87
CA THR B 19 14.70 1.20 -18.45
C THR B 19 14.44 2.18 -19.58
N SER B 20 15.45 2.42 -20.43
N SER B 20 15.44 2.41 -20.43
CA SER B 20 15.23 3.28 -21.59
CA SER B 20 15.25 3.30 -21.57
C SER B 20 14.08 2.76 -22.45
C SER B 20 14.15 2.78 -22.51
N ARG B 21 14.18 1.50 -22.84
CA ARG B 21 13.15 0.90 -23.70
C ARG B 21 11.80 0.82 -23.01
N ASN B 22 11.78 0.39 -21.76
CA ASN B 22 10.56 0.23 -20.99
C ASN B 22 9.85 1.57 -20.80
N PHE B 23 10.61 2.61 -20.45
CA PHE B 23 9.97 3.91 -20.22
C PHE B 23 9.50 4.55 -21.51
N VAL B 24 10.32 4.46 -22.56
CA VAL B 24 9.92 5.02 -23.84
C VAL B 24 8.65 4.34 -24.39
N ALA B 25 8.52 3.04 -24.15
CA ALA B 25 7.36 2.31 -24.63
C ALA B 25 6.11 2.52 -23.78
N SER B 26 6.27 2.69 -22.46
CA SER B 26 5.15 2.47 -21.56
C SER B 26 5.01 3.41 -20.37
N GLU B 27 5.98 4.30 -20.14
CA GLU B 27 5.92 5.21 -19.00
C GLU B 27 5.26 6.53 -19.45
N PRO B 28 4.31 7.06 -18.65
CA PRO B 28 3.47 8.14 -19.18
C PRO B 28 4.18 9.43 -19.58
N THR B 29 5.17 9.88 -18.79
CA THR B 29 5.80 11.17 -19.12
C THR B 29 6.72 11.07 -20.32
N SER B 30 7.44 9.95 -20.44
CA SER B 30 8.30 9.71 -21.60
C SER B 30 7.48 9.67 -22.87
N ILE B 31 6.35 8.96 -22.83
CA ILE B 31 5.46 8.88 -23.99
C ILE B 31 4.91 10.26 -24.36
N ALA B 32 4.48 11.01 -23.35
CA ALA B 32 3.94 12.36 -23.57
C ALA B 32 4.92 13.27 -24.31
N LEU B 33 6.19 13.15 -23.98
CA LEU B 33 7.26 13.95 -24.57
C LEU B 33 7.82 13.35 -25.86
N LYS B 34 7.26 12.24 -26.28
CA LYS B 34 7.71 11.51 -27.47
C LYS B 34 9.19 11.22 -27.44
N LEU B 35 9.67 10.83 -26.27
CA LEU B 35 11.09 10.48 -26.13
C LEU B 35 11.44 9.23 -26.91
N THR B 36 12.63 9.25 -27.48
CA THR B 36 13.25 8.05 -28.03
C THR B 36 14.20 7.46 -26.98
N THR B 37 14.65 6.23 -27.23
CA THR B 37 15.64 5.64 -26.34
C THR B 37 16.95 6.43 -26.33
N CYS B 38 17.27 7.09 -27.43
CA CYS B 38 18.46 7.94 -27.48
CA CYS B 38 18.55 7.96 -27.46
C CYS B 38 18.32 9.12 -26.51
N ASP B 39 17.15 9.77 -26.54
CA ASP B 39 16.87 10.87 -25.62
C ASP B 39 17.00 10.38 -24.19
N PHE B 40 16.36 9.24 -23.90
CA PHE B 40 16.30 8.75 -22.53
C PHE B 40 17.69 8.36 -22.02
N THR B 41 18.42 7.62 -22.84
CA THR B 41 19.76 7.20 -22.47
CA THR B 41 19.86 7.23 -22.46
C THR B 41 20.68 8.41 -22.28
N THR B 42 20.59 9.39 -23.18
CA THR B 42 21.41 10.58 -23.02
C THR B 42 21.15 11.28 -21.68
N SER B 43 19.89 11.49 -21.36
CA SER B 43 19.59 12.21 -20.12
C SER B 43 19.84 11.42 -18.86
N PHE B 44 19.62 10.10 -18.91
CA PHE B 44 19.52 9.31 -17.67
C PHE B 44 20.55 8.21 -17.51
N GLN B 45 21.47 8.04 -18.47
CA GLN B 45 22.39 6.91 -18.31
C GLN B 45 23.28 7.05 -17.08
N ASN B 46 23.66 8.28 -16.72
CA ASN B 46 24.49 8.51 -15.54
C ASN B 46 23.76 8.04 -14.27
N ILE B 47 22.54 8.51 -14.05
CA ILE B 47 21.82 8.09 -12.84
C ILE B 47 21.58 6.57 -12.85
N MET B 48 21.30 5.99 -14.03
CA MET B 48 21.05 4.55 -14.08
C MET B 48 22.31 3.76 -13.72
N LYS B 49 23.44 4.16 -14.28
CA LYS B 49 24.69 3.55 -13.91
C LYS B 49 24.97 3.66 -12.41
N GLN B 50 24.72 4.84 -11.84
CA GLN B 50 24.94 5.01 -10.42
C GLN B 50 23.98 4.17 -9.57
N CYS B 51 22.74 4.00 -10.02
CA CYS B 51 21.81 3.08 -9.33
C CYS B 51 22.40 1.68 -9.24
N VAL B 52 23.03 1.22 -10.32
CA VAL B 52 23.70 -0.07 -10.26
C VAL B 52 24.89 -0.02 -9.29
N ASP B 53 25.75 0.98 -9.45
CA ASP B 53 27.01 1.02 -8.72
C ASP B 53 26.89 1.24 -7.21
N TYR B 54 25.82 1.88 -6.74
CA TYR B 54 25.64 2.05 -5.30
C TYR B 54 25.18 0.76 -4.60
N GLY B 55 24.75 -0.24 -5.39
CA GLY B 55 24.54 -1.58 -4.86
C GLY B 55 23.18 -1.94 -4.32
N HIS B 56 22.20 -1.05 -4.47
CA HIS B 56 20.87 -1.26 -3.92
C HIS B 56 19.79 -1.54 -4.96
N SER B 57 20.18 -1.88 -6.19
CA SER B 57 19.23 -2.12 -7.27
CA SER B 57 19.32 -2.10 -7.25
C SER B 57 19.04 -3.62 -7.55
N PHE B 58 17.88 -3.98 -8.09
CA PHE B 58 17.51 -5.40 -8.27
C PHE B 58 16.83 -5.62 -9.61
N ALA B 59 16.88 -6.86 -10.10
CA ALA B 59 16.23 -7.20 -11.35
C ALA B 59 15.73 -8.63 -11.32
N PHE B 60 14.77 -8.92 -12.19
CA PHE B 60 14.47 -10.31 -12.56
C PHE B 60 15.11 -10.59 -13.88
N VAL B 61 15.83 -11.71 -13.97
CA VAL B 61 16.47 -12.12 -15.22
C VAL B 61 15.94 -13.47 -15.69
N ASP B 62 15.95 -13.68 -17.01
CA ASP B 62 15.59 -14.98 -17.57
C ASP B 62 16.80 -15.92 -17.58
N ALA B 63 16.63 -17.10 -18.19
CA ALA B 63 17.67 -18.13 -18.18
C ALA B 63 18.95 -17.71 -18.90
N ASP B 64 18.84 -16.75 -19.81
CA ASP B 64 19.98 -16.28 -20.58
C ASP B 64 20.53 -14.96 -20.03
N ASP B 65 20.09 -14.59 -18.84
CA ASP B 65 20.59 -13.43 -18.10
CA ASP B 65 20.69 -13.41 -18.08
C ASP B 65 20.09 -12.08 -18.66
N ASN B 66 18.99 -12.12 -19.40
CA ASN B 66 18.36 -10.89 -19.85
C ASN B 66 17.45 -10.32 -18.78
N ILE B 67 17.47 -9.01 -18.63
CA ILE B 67 16.61 -8.36 -17.65
C ILE B 67 15.17 -8.30 -18.15
N LYS B 68 14.23 -8.78 -17.36
CA LYS B 68 12.81 -8.79 -17.68
C LYS B 68 12.00 -7.78 -16.84
N ALA B 69 12.58 -7.37 -15.73
CA ALA B 69 11.98 -6.37 -14.85
C ALA B 69 13.09 -5.87 -13.95
N GLN B 70 13.03 -4.61 -13.52
CA GLN B 70 14.05 -4.13 -12.61
C GLN B 70 13.57 -2.93 -11.81
N ILE B 71 14.30 -2.66 -10.74
CA ILE B 71 14.09 -1.48 -9.94
C ILE B 71 15.46 -0.85 -9.71
N LEU B 72 15.59 0.41 -10.12
CA LEU B 72 16.83 1.17 -10.02
C LEU B 72 16.70 2.16 -8.88
N ASN B 73 17.50 1.95 -7.83
CA ASN B 73 17.47 2.69 -6.57
C ASN B 73 18.82 3.35 -6.34
N ILE B 74 18.81 4.49 -5.67
CA ILE B 74 20.05 5.23 -5.39
C ILE B 74 19.88 6.00 -4.09
N PRO B 75 20.94 6.07 -3.25
CA PRO B 75 20.83 6.91 -2.06
C PRO B 75 20.41 8.33 -2.41
N TYR B 76 19.52 8.91 -1.60
CA TYR B 76 18.97 10.23 -1.90
C TYR B 76 20.05 11.31 -2.00
N ASP B 77 21.08 11.23 -1.15
CA ASP B 77 22.15 12.24 -1.22
C ASP B 77 22.88 12.22 -2.57
N ALA B 78 23.02 11.04 -3.18
CA ALA B 78 23.60 10.96 -4.51
C ALA B 78 22.63 11.49 -5.58
N TYR B 79 21.35 11.18 -5.43
CA TYR B 79 20.32 11.71 -6.31
C TYR B 79 20.29 13.25 -6.31
N GLU B 80 20.43 13.85 -5.15
CA GLU B 80 20.25 15.29 -5.09
C GLU B 80 21.37 16.02 -5.77
N ASN B 81 22.53 15.42 -5.90
CA ASN B 81 23.67 16.02 -6.58
C ASN B 81 23.91 15.45 -7.97
N MET B 82 22.91 14.75 -8.51
CA MET B 82 23.05 14.06 -9.79
C MET B 82 23.25 15.01 -10.98
N HIS B 83 24.12 14.59 -11.89
CA HIS B 83 24.21 15.22 -13.21
C HIS B 83 23.43 14.44 -14.26
N TYR B 84 22.86 15.16 -15.23
CA TYR B 84 22.07 14.59 -16.29
C TYR B 84 22.56 15.14 -17.63
N GLY B 85 22.35 14.36 -18.68
CA GLY B 85 22.66 14.85 -20.02
C GLY B 85 21.47 15.66 -20.50
N ASN B 86 21.48 16.96 -20.20
CA ASN B 86 20.33 17.78 -20.53
C ASN B 86 20.24 18.06 -22.03
N ILE B 87 19.03 17.87 -22.56
CA ILE B 87 18.71 18.12 -23.97
C ILE B 87 17.30 18.72 -24.00
N ARG B 88 16.98 19.39 -25.09
CA ARG B 88 15.70 20.05 -25.13
C ARG B 88 14.53 19.10 -24.91
N GLU B 89 14.66 17.90 -25.44
CA GLU B 89 13.58 16.91 -25.42
C GLU B 89 13.13 16.55 -24.00
N THR B 90 14.05 16.60 -23.06
CA THR B 90 13.72 16.26 -21.66
C THR B 90 13.62 17.43 -20.68
N ASP B 91 13.89 18.64 -21.15
CA ASP B 91 13.75 19.82 -20.31
C ASP B 91 12.36 19.89 -19.60
N PRO B 92 11.27 19.64 -20.29
CA PRO B 92 9.97 19.75 -19.57
C PRO B 92 9.80 18.68 -18.49
N MET B 93 10.47 17.55 -18.63
CA MET B 93 10.44 16.51 -17.63
C MET B 93 11.18 16.96 -16.37
N PHE B 94 12.40 17.49 -16.54
CA PHE B 94 13.10 18.00 -15.37
C PHE B 94 12.34 19.16 -14.72
N ASP B 95 11.68 19.99 -15.53
CA ASP B 95 10.86 21.06 -14.97
C ASP B 95 9.72 20.51 -14.11
N LEU B 96 9.00 19.51 -14.62
CA LEU B 96 7.90 18.89 -13.88
C LEU B 96 8.37 18.24 -12.59
N PHE B 97 9.40 17.41 -12.69
CA PHE B 97 9.97 16.77 -11.51
C PHE B 97 10.48 17.77 -10.49
N GLY B 98 11.04 18.89 -10.91
CA GLY B 98 11.63 19.81 -10.00
C GLY B 98 10.72 20.25 -8.91
N ASN B 99 9.44 20.37 -9.25
CA ASN B 99 8.40 20.67 -8.26
C ASN B 99 8.41 19.75 -7.04
N LEU B 100 8.73 18.49 -7.22
CA LEU B 100 8.62 17.55 -6.12
C LEU B 100 9.86 17.54 -5.20
N ASP B 101 10.95 18.14 -5.68
CA ASP B 101 12.21 18.16 -4.95
C ASP B 101 12.15 19.05 -3.70
N SER B 102 11.00 19.70 -3.48
CA SER B 102 10.78 20.57 -2.31
C SER B 102 10.51 19.80 -1.01
N TYR B 103 10.07 18.54 -1.13
CA TYR B 103 9.90 17.70 0.06
C TYR B 103 11.10 16.79 0.14
N THR B 104 11.93 17.03 1.14
CA THR B 104 13.21 16.35 1.24
C THR B 104 13.30 15.56 2.54
N PRO B 105 14.05 14.46 2.53
CA PRO B 105 14.17 13.62 3.71
C PRO B 105 15.09 14.22 4.77
N ASP B 106 14.74 14.02 6.04
CA ASP B 106 15.56 14.50 7.15
C ASP B 106 16.50 13.44 7.71
N ASP B 107 16.58 12.29 7.03
CA ASP B 107 17.46 11.20 7.44
C ASP B 107 17.72 10.33 6.22
N LYS B 108 18.58 9.33 6.39
CA LYS B 108 19.04 8.43 5.34
C LYS B 108 17.88 7.88 4.52
N CYS B 109 17.96 8.04 3.20
CA CYS B 109 16.83 7.78 2.32
C CYS B 109 17.29 7.07 1.04
N LEU B 110 16.50 6.09 0.61
CA LEU B 110 16.73 5.42 -0.69
C LEU B 110 15.72 5.93 -1.70
N TYR B 111 16.21 6.38 -2.84
CA TYR B 111 15.37 6.95 -3.88
C TYR B 111 15.15 5.94 -5.02
N VAL B 112 13.90 5.66 -5.36
CA VAL B 112 13.57 4.77 -6.46
C VAL B 112 13.52 5.60 -7.73
N PHE B 113 14.54 5.49 -8.57
CA PHE B 113 14.56 6.21 -9.84
C PHE B 113 13.59 5.61 -10.85
N ALA B 114 13.57 4.28 -10.95
CA ALA B 114 12.75 3.63 -11.95
C ALA B 114 12.35 2.23 -11.52
N ILE B 115 11.10 1.87 -11.78
CA ILE B 115 10.64 0.50 -11.65
C ILE B 115 9.94 0.15 -12.97
N GLY B 116 10.16 -1.07 -13.47
CA GLY B 116 9.53 -1.45 -14.71
C GLY B 116 9.56 -2.94 -14.91
N SER B 117 8.63 -3.44 -15.72
N SER B 117 8.60 -3.42 -15.72
CA SER B 117 8.57 -4.86 -16.05
CA SER B 117 8.47 -4.84 -16.06
C SER B 117 8.10 -5.01 -17.48
C SER B 117 8.10 -4.97 -17.52
N GLU B 118 8.78 -5.87 -18.23
CA GLU B 118 8.38 -6.23 -19.59
C GLU B 118 7.53 -7.51 -19.61
N VAL B 119 7.41 -8.18 -18.47
CA VAL B 119 6.56 -9.37 -18.35
C VAL B 119 5.59 -8.98 -17.26
N THR B 120 4.43 -8.50 -17.70
CA THR B 120 3.52 -7.78 -16.81
C THR B 120 2.43 -8.67 -16.22
N GLY B 121 1.90 -8.24 -15.09
CA GLY B 121 0.79 -8.94 -14.42
C GLY B 121 1.16 -10.28 -13.82
N LYS B 122 2.43 -10.46 -13.50
CA LYS B 122 2.94 -11.69 -12.88
C LYS B 122 3.57 -11.44 -11.50
N GLY B 123 3.47 -10.23 -11.03
CA GLY B 123 3.98 -9.89 -9.71
C GLY B 123 5.45 -9.50 -9.67
N LEU B 124 6.09 -9.34 -10.83
CA LEU B 124 7.53 -9.06 -10.82
C LEU B 124 7.86 -7.71 -10.21
N ALA B 125 7.18 -6.65 -10.64
CA ALA B 125 7.45 -5.33 -10.08
C ALA B 125 7.15 -5.30 -8.58
N THR B 126 6.05 -5.95 -8.16
CA THR B 126 5.72 -6.03 -6.75
CA THR B 126 5.82 -6.01 -6.73
C THR B 126 6.84 -6.68 -5.94
N LYS B 127 7.38 -7.79 -6.44
CA LYS B 127 8.46 -8.48 -5.75
C LYS B 127 9.74 -7.65 -5.69
N LEU B 128 10.01 -6.88 -6.73
CA LEU B 128 11.16 -5.98 -6.73
C LEU B 128 11.00 -4.87 -5.70
N LEU B 129 9.78 -4.34 -5.57
CA LEU B 129 9.53 -3.31 -4.57
C LEU B 129 9.66 -3.90 -3.15
N LYS B 130 9.13 -5.09 -2.93
CA LYS B 130 9.27 -5.74 -1.63
C LYS B 130 10.73 -6.02 -1.28
N LYS B 131 11.51 -6.45 -2.27
CA LYS B 131 12.94 -6.66 -2.07
C LYS B 131 13.63 -5.35 -1.69
N THR B 132 13.24 -4.26 -2.35
CA THR B 132 13.80 -2.95 -2.08
C THR B 132 13.50 -2.48 -0.63
N ILE B 133 12.31 -2.80 -0.15
CA ILE B 133 11.93 -2.49 1.23
C ILE B 133 12.85 -3.26 2.19
N GLU B 134 13.07 -4.54 1.91
CA GLU B 134 14.00 -5.34 2.73
C GLU B 134 15.43 -4.77 2.70
N GLU B 135 15.90 -4.42 1.50
CA GLU B 135 17.23 -3.84 1.34
C GLU B 135 17.38 -2.55 2.14
N SER B 136 16.34 -1.71 2.10
CA SER B 136 16.34 -0.44 2.82
CA SER B 136 16.37 -0.44 2.80
C SER B 136 16.51 -0.64 4.32
N SER B 137 15.73 -1.58 4.86
CA SER B 137 15.82 -1.89 6.30
CA SER B 137 15.92 -1.86 6.31
C SER B 137 17.20 -2.43 6.64
N SER B 138 17.73 -3.33 5.80
CA SER B 138 19.02 -3.96 6.09
C SER B 138 20.19 -2.97 6.13
N HIS B 139 20.08 -1.91 5.35
CA HIS B 139 21.24 -0.89 5.29
C HIS B 139 20.88 0.36 6.09
N GLY B 140 19.82 0.35 6.90
CA GLY B 140 19.54 1.44 7.83
C GLY B 140 18.95 2.68 7.20
N PHE B 141 18.36 2.56 6.01
CA PHE B 141 17.59 3.65 5.45
C PHE B 141 16.33 3.89 6.28
N LYS B 142 16.01 5.13 6.51
CA LYS B 142 14.83 5.48 7.25
C LYS B 142 13.63 5.69 6.36
N TYR B 143 13.89 6.10 5.13
CA TYR B 143 12.82 6.35 4.17
C TYR B 143 13.14 5.74 2.83
N ILE B 144 12.08 5.45 2.08
CA ILE B 144 12.18 5.23 0.63
C ILE B 144 11.31 6.32 -0.03
N TYR B 145 11.89 7.01 -1.02
CA TYR B 145 11.16 8.01 -1.82
C TYR B 145 11.06 7.52 -3.26
N GLY B 146 9.96 7.83 -3.91
CA GLY B 146 9.84 7.64 -5.36
C GLY B 146 8.95 8.69 -5.95
N ASP B 147 9.30 9.18 -7.13
CA ASP B 147 8.46 10.08 -7.88
C ASP B 147 7.77 9.26 -8.95
N CYS B 148 6.51 8.93 -8.70
CA CYS B 148 5.78 7.97 -9.51
C CYS B 148 4.83 8.66 -10.46
N THR B 149 4.95 8.30 -11.74
CA THR B 149 4.26 9.00 -12.81
C THR B 149 3.05 8.23 -13.36
N ASN B 150 2.87 7.00 -12.89
CA ASN B 150 1.94 6.04 -13.49
C ASN B 150 0.96 5.57 -12.40
N ILE B 151 -0.34 5.64 -12.69
CA ILE B 151 -1.36 5.16 -11.75
C ILE B 151 -1.06 3.73 -11.25
N ILE B 152 -0.51 2.88 -12.12
CA ILE B 152 -0.25 1.51 -11.74
C ILE B 152 0.82 1.44 -10.64
N SER B 153 1.91 2.18 -10.81
CA SER B 153 2.96 2.17 -9.79
CA SER B 153 3.06 2.19 -9.77
C SER B 153 2.53 2.96 -8.54
N GLN B 154 1.75 4.03 -8.73
CA GLN B 154 1.21 4.76 -7.57
C GLN B 154 0.40 3.81 -6.70
N ASN B 155 -0.48 3.02 -7.32
CA ASN B 155 -1.27 2.05 -6.57
C ASN B 155 -0.42 0.97 -5.91
N MET B 156 0.60 0.49 -6.62
CA MET B 156 1.51 -0.48 -6.06
C MET B 156 2.24 0.07 -4.84
N PHE B 157 2.74 1.30 -4.96
CA PHE B 157 3.43 1.91 -3.84
C PHE B 157 2.47 2.10 -2.65
N GLU B 158 1.25 2.55 -2.93
CA GLU B 158 0.23 2.69 -1.88
C GLU B 158 -0.01 1.35 -1.17
N LYS B 159 -0.07 0.27 -1.95
CA LYS B 159 -0.36 -1.05 -1.37
C LYS B 159 0.74 -1.51 -0.42
N HIS B 160 1.94 -0.92 -0.55
CA HIS B 160 3.09 -1.27 0.27
C HIS B 160 3.50 -0.16 1.23
N GLY B 161 2.53 0.69 1.57
CA GLY B 161 2.69 1.60 2.69
C GLY B 161 3.25 2.97 2.38
N PHE B 162 3.37 3.31 1.09
CA PHE B 162 3.83 4.66 0.75
C PHE B 162 2.72 5.70 0.93
N GLU B 163 3.13 6.89 1.31
CA GLU B 163 2.25 8.03 1.41
C GLU B 163 2.66 9.16 0.49
N THR B 164 1.69 9.84 -0.06
CA THR B 164 1.98 10.95 -0.97
C THR B 164 2.31 12.19 -0.16
N VAL B 165 3.39 12.87 -0.53
CA VAL B 165 3.80 14.11 0.14
C VAL B 165 3.78 15.31 -0.79
N GLY B 166 3.59 15.08 -2.08
CA GLY B 166 3.56 16.15 -3.06
C GLY B 166 3.02 15.60 -4.35
N SER B 167 2.39 16.47 -5.14
CA SER B 167 1.84 16.06 -6.43
C SER B 167 1.74 17.22 -7.38
N VAL B 168 1.75 16.92 -8.68
CA VAL B 168 1.49 17.92 -9.71
C VAL B 168 0.54 17.31 -10.73
N LYS B 169 -0.54 18.04 -11.03
CA LYS B 169 -1.50 17.62 -12.06
C LYS B 169 -0.91 17.76 -13.47
N TYR B 170 -1.02 16.70 -14.26
CA TYR B 170 -0.53 16.76 -15.64
C TYR B 170 -1.33 17.73 -16.52
N LYS B 171 -2.64 17.62 -16.49
CA LYS B 171 -3.46 18.39 -17.38
CA LYS B 171 -3.46 18.39 -17.39
C LYS B 171 -3.38 19.87 -17.04
N GLY B 172 -2.99 20.62 -18.05
CA GLY B 172 -2.80 22.06 -17.90
C GLY B 172 -1.39 22.49 -17.51
N TYR B 173 -0.53 21.54 -17.15
CA TYR B 173 0.81 21.92 -16.74
C TYR B 173 1.52 22.58 -17.92
N GLN B 174 2.17 23.71 -17.68
CA GLN B 174 2.83 24.41 -18.77
C GLN B 174 4.32 24.45 -18.63
N TYR B 175 4.98 24.49 -19.79
CA TYR B 175 6.38 24.80 -19.86
C TYR B 175 6.46 25.92 -20.88
N GLY B 176 6.62 27.15 -20.40
CA GLY B 176 6.34 28.32 -21.24
C GLY B 176 4.90 28.19 -21.73
N ILE B 177 4.69 28.44 -23.03
CA ILE B 177 3.33 28.34 -23.58
C ILE B 177 2.90 26.90 -23.90
N THR B 178 3.84 25.95 -23.82
CA THR B 178 3.55 24.56 -24.21
C THR B 178 2.80 23.85 -23.09
N LYS B 179 2.17 22.83 -23.42
CA LYS B 179 1.41 22.02 -22.48
C LYS B 179 1.82 20.56 -22.67
N PRO B 180 3.00 20.20 -22.32
CA PRO B 180 3.64 18.95 -22.77
C PRO B 180 3.04 17.66 -22.23
N PHE B 181 2.23 17.74 -21.17
CA PHE B 181 1.69 16.54 -20.54
C PHE B 181 0.18 16.36 -20.71
N ASP B 182 -0.44 17.21 -21.54
CA ASP B 182 -1.89 17.13 -21.73
C ASP B 182 -2.33 15.85 -22.43
N SER B 183 -1.40 15.20 -23.14
CA SER B 183 -1.71 13.96 -23.85
C SER B 183 -1.89 12.77 -22.93
N ILE B 184 -1.42 12.87 -21.68
CA ILE B 184 -1.52 11.77 -20.73
C ILE B 184 -2.98 11.56 -20.35
N ASN B 185 -3.49 10.35 -20.56
CA ASN B 185 -4.84 10.05 -20.15
C ASN B 185 -5.03 8.97 -19.10
N CYS B 186 -3.97 8.24 -18.83
CA CYS B 186 -4.09 7.07 -17.94
C CYS B 186 -4.01 7.46 -16.46
N THR B 187 -3.33 8.59 -16.19
CA THR B 187 -2.93 8.98 -14.84
C THR B 187 -3.12 10.49 -14.72
N GLU B 188 -3.59 10.94 -13.57
CA GLU B 188 -3.91 12.36 -13.38
C GLU B 188 -2.76 13.20 -12.82
N TYR B 189 -1.92 12.59 -11.98
CA TYR B 189 -0.86 13.31 -11.29
C TYR B 189 0.45 12.57 -11.34
N ILE B 190 1.55 13.33 -11.26
CA ILE B 190 2.82 12.77 -10.79
C ILE B 190 2.85 12.98 -9.25
N LYS B 191 3.29 12.00 -8.51
CA LYS B 191 3.26 12.04 -7.07
C LYS B 191 4.60 11.69 -6.44
N ARG B 192 5.06 12.44 -5.45
CA ARG B 192 6.21 12.04 -4.65
C ARG B 192 5.68 11.21 -3.49
N MET B 193 6.18 10.00 -3.40
CA MET B 193 5.67 8.99 -2.46
C MET B 193 6.74 8.55 -1.52
N VAL B 194 6.39 8.45 -0.24
CA VAL B 194 7.36 8.21 0.83
C VAL B 194 6.92 7.07 1.73
N LYS B 195 7.82 6.11 1.94
CA LYS B 195 7.58 5.07 2.94
C LYS B 195 8.55 5.26 4.09
N THR B 196 8.01 5.23 5.30
CA THR B 196 8.84 5.28 6.49
C THR B 196 9.13 3.86 6.93
N ILE B 197 10.40 3.53 6.99
CA ILE B 197 10.83 2.18 7.24
C ILE B 197 10.62 1.84 8.72
N1A COA C . -5.78 3.49 25.95
C2A COA C . -6.93 3.70 26.55
N3A COA C . -7.93 4.33 25.95
C4A COA C . -7.78 4.77 24.73
C5A COA C . -6.57 4.57 24.06
C6A COA C . -5.58 3.91 24.75
N6A COA C . -4.33 3.66 24.12
N7A COA C . -6.72 5.10 22.84
C8A COA C . -7.90 5.61 22.75
N9A COA C . -8.58 5.43 23.89
C1B COA C . -9.94 5.80 24.18
C2B COA C . -10.21 7.25 24.16
O2B COA C . -9.80 7.87 25.33
C3B COA C . -11.66 7.26 23.83
O3B COA C . -12.52 7.16 24.90
P3B COA C . -13.34 8.36 25.51
O7A COA C . -13.75 9.31 24.48
O8A COA C . -14.51 7.79 26.22
O9A COA C . -12.30 8.88 26.39
C4B COA C . -11.77 6.07 22.92
O4B COA C . -10.70 5.25 23.19
C5B COA C . -11.83 6.39 21.43
O5B COA C . -10.85 7.26 21.07
P1A COA C . -10.63 7.67 19.57
O1A COA C . -11.96 7.81 18.96
O2A COA C . -9.67 8.73 19.92
O3A COA C . -9.84 6.34 19.15
P2A COA C . -8.49 6.26 18.17
O4A COA C . -7.47 6.53 19.14
O5A COA C . -8.85 7.15 17.02
O6A COA C . -8.68 4.75 17.75
CBP COA C . -8.23 2.42 17.93
CCP COA C . -8.69 3.68 18.63
CDP COA C . -8.52 1.26 18.84
CEP COA C . -9.01 2.27 16.64
CAP COA C . -6.69 2.48 17.71
OAP COA C . -5.97 2.36 18.88
C9P COA C . -6.16 1.43 16.71
O9P COA C . -6.14 1.66 15.59
N8P COA C . -5.62 0.17 17.22
C7P COA C . -5.04 -0.91 16.33
C6P COA C . -6.30 -1.22 15.75
C5P COA C . -7.21 -2.10 16.54
O5P COA C . -6.87 -2.83 17.39
N4P COA C . -8.48 -2.04 16.07
C3P COA C . -9.56 -2.76 16.65
C2P COA C . -9.71 -4.19 16.35
S1P COA C . -11.29 -4.59 17.05
N1 IMD D . -9.31 -8.97 12.21
C2 IMD D . -8.49 -9.56 11.31
N3 IMD D . -7.35 -9.87 11.95
C4 IMD D . -7.43 -9.48 13.24
C5 IMD D . -8.67 -8.91 13.40
N1A COA E . -3.58 -2.14 -15.43
C2A COA E . -4.03 -2.12 -14.18
N3A COA E . -3.39 -2.72 -13.18
C4A COA E . -2.26 -3.33 -13.40
C5A COA E . -1.76 -3.37 -14.70
C6A COA E . -2.47 -2.75 -15.71
N6A COA E . -1.97 -2.76 -17.04
N7A COA E . -0.61 -4.04 -14.65
C8A COA E . -0.42 -4.39 -13.41
N9A COA E . -1.40 -4.00 -12.61
C1B COA E . -1.50 -4.18 -11.20
C2B COA E . -1.65 -5.57 -10.72
O2B COA E . -2.95 -6.06 -10.82
C3B COA E . -1.04 -5.55 -9.37
O3B COA E . -1.88 -5.26 -8.33
P3B COA E . -2.64 -6.31 -7.44
O7A COA E . -3.16 -5.60 -6.28
O8A COA E . -1.69 -7.38 -7.03
O9A COA E . -3.63 -6.88 -8.35
C4B COA E . -0.04 -4.46 -9.49
O4B COA E . -0.34 -3.73 -10.62
C5B COA E . 1.38 -4.98 -9.56
O5B COA E . 1.53 -5.90 -10.56
P1A COA E . 2.93 -6.53 -10.92
O1A COA E . 3.61 -6.60 -9.60
O2A COA E . 2.27 -7.59 -11.70
O3A COA E . 3.37 -5.33 -11.89
P2A COA E . 4.06 -5.48 -13.33
O4A COA E . 2.94 -5.73 -14.22
O5A COA E . 5.17 -6.38 -12.94
O6A COA E . 4.66 -4.01 -13.34
CBP COA E . 4.64 -1.71 -14.03
CCP COA E . 3.90 -2.86 -13.37
CDP COA E . 5.99 -1.62 -13.44
CEP COA E . 3.87 -0.45 -13.73
CAP COA E . 4.69 -1.93 -15.58
OAP COA E . 3.46 -1.79 -16.17
C9P COA E . 5.69 -1.01 -16.31
O9P COA E . 6.80 -1.31 -16.43
N8P COA E . 5.23 0.23 -16.92
C7P COA E . 6.13 1.19 -17.69
C6P COA E . 6.95 1.51 -16.59
C5P COA E . 6.33 2.52 -15.67
O5P COA E . 5.48 3.30 -15.94
N4P COA E . 6.97 2.56 -14.48
C3P COA E . 6.61 3.44 -13.41
C2P COA E . 6.95 4.85 -13.48
S1P COA E . 6.63 5.50 -11.83
N1 IMD F . 10.31 9.46 -16.62
C2 IMD F . 11.61 9.70 -16.91
N3 IMD F . 12.37 9.45 -15.83
C4 IMD F . 11.55 9.07 -14.85
C5 IMD F . 10.25 9.07 -15.33
#